data_1NZI
#
_entry.id   1NZI
#
_cell.length_a   35.134
_cell.length_b   47.499
_cell.length_c   56.679
_cell.angle_alpha   87.74
_cell.angle_beta   78.04
_cell.angle_gamma   75.67
#
_symmetry.space_group_name_H-M   'P 1'
#
loop_
_entity.id
_entity.type
_entity.pdbx_description
1 polymer 'Complement C1s component'
2 non-polymer 'CALCIUM ION'
3 non-polymer 'MAGNESIUM ION'
4 water water
#
_entity_poly.entity_id   1
_entity_poly.type   'polypeptide(L)'
_entity_poly.pdbx_seq_one_letter_code
;EPTMYGEILSPNYPQAYPSEVEKSWDIEVPEGYGIHLYFTHLDIELSENCAYDSVQIISGDTEEGRLCGQRSSNNPHSPI
VEEFQVPYNKLQVIFKSDFSNEERFTGFAAYYVATDINECTDFVDVPCSHFCNNFIGGYFCSCPPEYFLHDDMKNCGVN
;
_entity_poly.pdbx_strand_id   A,B
#
loop_
_chem_comp.id
_chem_comp.type
_chem_comp.name
_chem_comp.formula
CA non-polymer 'CALCIUM ION' 'Ca 2'
MG non-polymer 'MAGNESIUM ION' 'Mg 2'
#
# COMPACT_ATOMS: atom_id res chain seq x y z
N GLU A 1 11.15 -11.36 12.96
CA GLU A 1 11.38 -9.94 13.33
C GLU A 1 10.41 -9.04 12.54
N PRO A 2 10.91 -8.04 11.78
CA PRO A 2 9.87 -7.27 11.08
C PRO A 2 9.03 -8.14 10.18
N THR A 3 7.72 -7.94 10.26
CA THR A 3 6.77 -8.70 9.47
C THR A 3 5.86 -7.71 8.78
N MET A 4 5.09 -8.19 7.83
CA MET A 4 4.16 -7.33 7.11
C MET A 4 2.74 -7.50 7.64
N TYR A 5 2.56 -8.47 8.54
CA TYR A 5 1.25 -8.74 9.13
C TYR A 5 1.42 -9.79 10.22
N GLY A 6 0.39 -9.96 11.04
CA GLY A 6 0.46 -10.94 12.11
C GLY A 6 -0.85 -11.05 12.88
N GLU A 7 -0.90 -12.02 13.78
CA GLU A 7 -2.07 -12.29 14.61
C GLU A 7 -1.64 -12.31 16.06
N ILE A 8 -2.50 -11.81 16.94
CA ILE A 8 -2.26 -11.79 18.37
C ILE A 8 -3.51 -12.35 19.05
N LEU A 9 -3.33 -13.41 19.81
CA LEU A 9 -4.43 -14.08 20.51
C LEU A 9 -4.20 -14.10 22.03
N SER A 10 -5.25 -13.83 22.80
CA SER A 10 -5.13 -13.88 24.24
C SER A 10 -4.74 -15.29 24.70
N PRO A 11 -4.09 -15.38 25.88
CA PRO A 11 -3.71 -16.70 26.39
C PRO A 11 -4.93 -17.62 26.56
N ASN A 12 -4.77 -18.85 26.07
CA ASN A 12 -5.79 -19.89 26.07
C ASN A 12 -6.92 -19.68 25.06
N TYR A 13 -6.82 -18.62 24.25
CA TYR A 13 -7.82 -18.35 23.22
C TYR A 13 -8.02 -19.64 22.42
N PRO A 14 -9.26 -19.96 22.03
CA PRO A 14 -10.53 -19.25 22.20
C PRO A 14 -11.30 -19.59 23.49
N GLN A 15 -10.64 -20.26 24.44
CA GLN A 15 -11.28 -20.58 25.70
C GLN A 15 -10.99 -19.46 26.70
N ALA A 16 -11.52 -19.62 27.91
CA ALA A 16 -11.35 -18.60 28.95
C ALA A 16 -9.90 -18.31 29.27
N TYR A 17 -9.55 -17.03 29.38
CA TYR A 17 -8.18 -16.71 29.73
C TYR A 17 -7.87 -17.05 31.19
N PRO A 18 -6.60 -17.30 31.50
CA PRO A 18 -6.24 -17.65 32.88
C PRO A 18 -6.47 -16.52 33.83
N SER A 19 -6.53 -16.88 35.11
CA SER A 19 -6.70 -15.91 36.17
C SER A 19 -5.29 -15.45 36.55
N GLU A 20 -5.16 -14.18 36.86
CA GLU A 20 -3.91 -13.62 37.31
C GLU A 20 -2.72 -13.86 36.40
N VAL A 21 -2.78 -13.34 35.18
CA VAL A 21 -1.68 -13.48 34.24
C VAL A 21 -1.49 -12.16 33.50
N GLU A 22 -0.28 -11.95 33.00
CA GLU A 22 0.02 -10.77 32.21
C GLU A 22 0.87 -11.25 31.05
N LYS A 23 0.51 -10.86 29.83
CA LYS A 23 1.27 -11.25 28.65
C LYS A 23 1.49 -10.05 27.75
N SER A 24 2.64 -10.02 27.11
CA SER A 24 3.01 -8.91 26.24
C SER A 24 3.44 -9.41 24.86
N TRP A 25 3.15 -8.61 23.83
CA TRP A 25 3.55 -8.93 22.46
C TRP A 25 4.19 -7.69 21.84
N ASP A 26 5.31 -7.88 21.14
CA ASP A 26 5.98 -6.77 20.47
C ASP A 26 5.69 -6.91 18.98
N ILE A 27 5.08 -5.87 18.40
CA ILE A 27 4.75 -5.88 16.99
C ILE A 27 5.78 -5.03 16.26
N GLU A 28 6.32 -5.57 15.17
CA GLU A 28 7.31 -4.83 14.40
C GLU A 28 7.12 -5.05 12.91
N VAL A 29 7.09 -3.95 12.17
CA VAL A 29 7.00 -4.00 10.72
C VAL A 29 8.24 -3.27 10.23
N PRO A 30 8.57 -3.38 8.94
CA PRO A 30 9.78 -2.71 8.41
C PRO A 30 9.75 -1.19 8.45
N GLU A 31 10.94 -0.59 8.38
CA GLU A 31 11.01 0.87 8.34
C GLU A 31 10.30 1.26 7.05
N GLY A 32 9.63 2.41 7.07
CA GLY A 32 8.90 2.84 5.88
C GLY A 32 7.42 2.50 6.00
N TYR A 33 7.04 1.81 7.07
CA TYR A 33 5.65 1.42 7.28
C TYR A 33 5.12 1.75 8.66
N GLY A 34 3.79 1.91 8.72
CA GLY A 34 3.11 2.15 9.96
C GLY A 34 2.36 0.85 10.26
N ILE A 35 1.51 0.87 11.28
CA ILE A 35 0.78 -0.33 11.69
C ILE A 35 -0.70 -0.11 11.87
N HIS A 36 -1.50 -0.98 11.24
CA HIS A 36 -2.94 -0.95 11.43
C HIS A 36 -3.22 -2.18 12.29
N LEU A 37 -3.68 -1.96 13.51
CA LEU A 37 -3.99 -3.05 14.45
C LEU A 37 -5.49 -3.08 14.66
N TYR A 38 -6.11 -4.22 14.45
CA TYR A 38 -7.56 -4.29 14.64
C TYR A 38 -7.99 -5.54 15.38
N PHE A 39 -9.01 -5.38 16.22
CA PHE A 39 -9.54 -6.45 17.05
C PHE A 39 -10.82 -6.98 16.44
N THR A 40 -10.92 -8.31 16.36
N THR A 40 -10.92 -8.31 16.36
CA THR A 40 -12.06 -8.99 15.76
CA THR A 40 -12.08 -8.95 15.87
C THR A 40 -12.83 -9.78 16.82
C THR A 40 -13.05 -9.26 16.98
N HIS A 41 -12.34 -9.75 18.05
CA HIS A 41 -12.99 -10.47 19.15
C HIS A 41 -12.59 -9.76 20.44
N LEU A 42 -13.58 -9.39 21.24
CA LEU A 42 -13.35 -8.70 22.53
C LEU A 42 -14.34 -9.29 23.56
N ASP A 43 -13.82 -10.07 24.49
CA ASP A 43 -14.66 -10.70 25.51
C ASP A 43 -13.82 -10.66 26.77
N ILE A 44 -13.77 -9.47 27.36
CA ILE A 44 -12.98 -9.20 28.55
C ILE A 44 -13.87 -8.57 29.63
N GLU A 45 -13.51 -8.80 30.89
CA GLU A 45 -14.22 -8.21 32.03
C GLU A 45 -14.42 -6.72 31.77
N LEU A 46 -15.59 -6.20 32.08
CA LEU A 46 -15.84 -4.77 31.91
C LEU A 46 -15.55 -4.04 33.23
N SER A 47 -14.79 -2.96 33.17
CA SER A 47 -14.54 -2.12 34.34
C SER A 47 -14.36 -0.69 33.85
N GLU A 48 -14.69 0.29 34.70
CA GLU A 48 -14.50 1.67 34.28
C GLU A 48 -13.02 1.96 34.02
N ASN A 49 -12.77 2.60 32.89
CA ASN A 49 -11.43 2.95 32.42
C ASN A 49 -10.55 1.71 32.36
N CYS A 50 -11.19 0.55 32.21
CA CYS A 50 -10.53 -0.75 32.11
C CYS A 50 -9.40 -0.90 33.15
N ALA A 51 -9.74 -0.57 34.38
CA ALA A 51 -8.79 -0.62 35.48
C ALA A 51 -8.40 -2.04 35.90
N TYR A 52 -9.26 -3.01 35.64
CA TYR A 52 -8.96 -4.38 36.02
C TYR A 52 -8.46 -5.16 34.80
N ASP A 53 -9.17 -6.17 34.28
CA ASP A 53 -8.62 -6.86 33.10
C ASP A 53 -8.58 -5.85 31.95
N SER A 54 -7.59 -5.98 31.06
CA SER A 54 -7.52 -5.06 29.94
C SER A 54 -6.53 -5.48 28.87
N VAL A 55 -6.66 -4.84 27.71
CA VAL A 55 -5.68 -5.03 26.64
C VAL A 55 -5.21 -3.60 26.40
N GLN A 56 -3.93 -3.36 26.56
CA GLN A 56 -3.38 -2.03 26.38
C GLN A 56 -2.52 -1.99 25.13
N ILE A 57 -2.61 -0.90 24.38
CA ILE A 57 -1.84 -0.74 23.16
C ILE A 57 -0.90 0.43 23.41
N ILE A 58 0.40 0.18 23.31
CA ILE A 58 1.39 1.20 23.61
C ILE A 58 2.38 1.44 22.48
N SER A 59 2.76 2.70 22.30
CA SER A 59 3.70 3.10 21.27
C SER A 59 4.83 3.88 21.94
N GLU A 63 0.46 5.57 25.61
CA GLU A 63 -0.64 4.62 25.45
C GLU A 63 -1.54 5.04 24.30
N GLU A 64 -1.64 4.18 23.30
CA GLU A 64 -2.48 4.43 22.14
C GLU A 64 -3.94 4.12 22.48
N GLY A 65 -4.14 3.14 23.35
CA GLY A 65 -5.49 2.78 23.74
C GLY A 65 -5.53 1.70 24.80
N ARG A 66 -6.69 1.50 25.40
CA ARG A 66 -6.87 0.45 26.40
C ARG A 66 -8.31 -0.01 26.23
N LEU A 67 -8.47 -1.32 26.15
CA LEU A 67 -9.77 -1.91 25.91
C LEU A 67 -10.14 -2.97 26.92
N CYS A 68 -11.44 -3.16 27.07
CA CYS A 68 -12.01 -4.20 27.92
C CYS A 68 -13.48 -4.33 27.54
N GLY A 69 -14.19 -5.15 28.27
CA GLY A 69 -15.60 -5.33 27.98
C GLY A 69 -15.85 -6.39 26.92
N GLN A 70 -17.12 -6.55 26.59
CA GLN A 70 -17.50 -7.55 25.61
C GLN A 70 -18.27 -6.93 24.47
N ARG A 71 -17.73 -7.04 23.26
CA ARG A 71 -18.43 -6.52 22.09
C ARG A 71 -18.08 -7.33 20.85
N SER A 72 -19.02 -7.39 19.91
CA SER A 72 -18.82 -8.16 18.68
C SER A 72 -19.32 -7.41 17.46
N SER A 73 -19.01 -7.94 16.27
CA SER A 73 -19.42 -7.31 15.03
C SER A 73 -20.19 -8.30 14.15
N ASN A 74 -21.17 -7.82 13.41
CA ASN A 74 -21.93 -8.68 12.52
C ASN A 74 -21.41 -8.58 11.08
N ASN A 75 -20.32 -7.83 10.89
CA ASN A 75 -19.72 -7.69 9.56
C ASN A 75 -19.18 -9.08 9.22
N PRO A 76 -19.74 -9.72 8.18
CA PRO A 76 -19.32 -11.06 7.79
C PRO A 76 -17.87 -11.34 7.37
N HIS A 77 -17.23 -10.43 6.67
CA HIS A 77 -15.86 -10.69 6.23
C HIS A 77 -14.81 -9.76 6.78
N SER A 78 -15.26 -8.75 7.50
CA SER A 78 -14.33 -7.79 8.10
C SER A 78 -14.79 -7.30 9.47
N PRO A 79 -14.91 -8.23 10.44
CA PRO A 79 -15.33 -7.88 11.79
C PRO A 79 -14.23 -7.08 12.47
N ILE A 80 -14.55 -5.86 12.86
CA ILE A 80 -13.62 -5.02 13.55
C ILE A 80 -14.42 -4.29 14.62
N VAL A 81 -14.10 -4.54 15.88
CA VAL A 81 -14.81 -3.88 16.96
C VAL A 81 -14.00 -2.70 17.47
N GLU A 82 -12.70 -2.76 17.29
CA GLU A 82 -11.81 -1.68 17.71
C GLU A 82 -10.58 -1.70 16.81
N GLU A 83 -10.00 -0.55 16.51
CA GLU A 83 -8.80 -0.53 15.67
C GLU A 83 -7.96 0.71 15.96
N PHE A 84 -6.69 0.61 15.59
CA PHE A 84 -5.73 1.68 15.80
C PHE A 84 -4.84 1.76 14.56
N GLN A 85 -4.46 2.99 14.20
CA GLN A 85 -3.58 3.19 13.06
C GLN A 85 -2.47 4.08 13.58
N VAL A 86 -1.24 3.57 13.60
CA VAL A 86 -0.13 4.36 14.08
C VAL A 86 0.95 4.53 13.02
N PRO A 87 1.55 5.72 12.95
CA PRO A 87 2.59 6.03 11.97
C PRO A 87 4.00 5.52 12.32
N TYR A 88 4.09 4.62 13.29
CA TYR A 88 5.38 4.07 13.71
C TYR A 88 5.45 2.61 13.32
N ASN A 89 6.66 2.04 13.32
CA ASN A 89 6.81 0.66 12.91
C ASN A 89 6.91 -0.35 14.04
N LYS A 90 6.66 0.11 15.26
CA LYS A 90 6.70 -0.77 16.43
C LYS A 90 5.53 -0.43 17.35
N LEU A 91 4.94 -1.47 17.94
CA LEU A 91 3.85 -1.31 18.88
C LEU A 91 3.94 -2.42 19.91
N GLN A 92 3.44 -2.15 21.10
CA GLN A 92 3.41 -3.15 22.13
C GLN A 92 1.96 -3.38 22.54
N VAL A 93 1.60 -4.64 22.75
CA VAL A 93 0.26 -4.97 23.22
C VAL A 93 0.43 -5.72 24.53
N ILE A 94 -0.33 -5.31 25.54
CA ILE A 94 -0.23 -5.95 26.84
C ILE A 94 -1.60 -6.42 27.33
N PHE A 95 -1.71 -7.69 27.67
CA PHE A 95 -2.96 -8.22 28.18
C PHE A 95 -2.81 -8.51 29.67
N LYS A 96 -3.77 -8.06 30.47
CA LYS A 96 -3.74 -8.30 31.90
C LYS A 96 -5.06 -8.89 32.39
N SER A 97 -4.94 -9.93 33.21
CA SER A 97 -6.07 -10.62 33.80
C SER A 97 -5.80 -10.57 35.30
N ASP A 98 -6.67 -9.92 36.06
CA ASP A 98 -6.45 -9.91 37.50
C ASP A 98 -7.54 -10.62 38.25
N PHE A 99 -7.17 -11.17 39.41
CA PHE A 99 -8.05 -11.93 40.26
C PHE A 99 -8.60 -13.10 39.45
N SER A 100 -9.76 -13.62 39.83
CA SER A 100 -10.34 -14.78 39.14
C SER A 100 -11.26 -14.47 37.97
N ASN A 101 -11.17 -15.28 36.91
CA ASN A 101 -12.02 -15.08 35.74
C ASN A 101 -13.22 -15.99 35.91
N GLU A 102 -14.07 -15.61 36.87
CA GLU A 102 -15.28 -16.38 37.19
C GLU A 102 -16.34 -16.37 36.12
N GLU A 103 -16.36 -15.36 35.27
CA GLU A 103 -17.33 -15.28 34.20
C GLU A 103 -16.86 -16.04 32.96
N ARG A 104 -15.64 -16.56 33.03
CA ARG A 104 -15.05 -17.32 31.93
C ARG A 104 -14.92 -16.52 30.63
N PHE A 105 -14.52 -15.26 30.75
CA PHE A 105 -14.33 -14.41 29.56
C PHE A 105 -13.24 -15.03 28.67
N THR A 106 -13.41 -14.94 27.36
CA THR A 106 -12.47 -15.56 26.43
C THR A 106 -11.40 -14.72 25.75
N GLY A 107 -11.26 -13.47 26.20
CA GLY A 107 -10.19 -12.64 25.70
C GLY A 107 -10.37 -11.87 24.43
N PHE A 108 -9.41 -12.01 23.52
CA PHE A 108 -9.47 -11.29 22.26
C PHE A 108 -8.65 -11.92 21.14
N ALA A 109 -8.94 -11.46 19.94
CA ALA A 109 -8.19 -11.84 18.75
C ALA A 109 -7.95 -10.52 18.04
N ALA A 110 -6.71 -10.30 17.63
CA ALA A 110 -6.37 -9.09 16.91
C ALA A 110 -5.40 -9.43 15.80
N TYR A 111 -5.37 -8.57 14.78
CA TYR A 111 -4.46 -8.73 13.67
C TYR A 111 -3.84 -7.39 13.41
N TYR A 112 -2.64 -7.41 12.84
CA TYR A 112 -2.01 -6.16 12.47
C TYR A 112 -1.46 -6.34 11.07
N VAL A 113 -1.40 -5.24 10.32
CA VAL A 113 -0.83 -5.25 8.99
C VAL A 113 -0.03 -3.97 8.81
N ALA A 114 1.10 -4.11 8.12
CA ALA A 114 1.92 -2.96 7.84
C ALA A 114 1.19 -2.08 6.81
N THR A 115 1.31 -0.76 6.98
CA THR A 115 0.73 0.21 6.07
C THR A 115 1.84 1.13 5.56
N ASP A 116 1.80 1.50 4.29
CA ASP A 116 2.83 2.40 3.78
C ASP A 116 2.72 3.79 4.39
N ILE A 117 3.87 4.36 4.72
CA ILE A 117 3.95 5.72 5.23
C ILE A 117 4.14 6.54 3.96
N ASN A 118 3.39 7.63 3.81
CA ASN A 118 3.60 8.50 2.66
C ASN A 118 4.56 9.60 3.14
N GLU A 119 5.85 9.42 2.88
CA GLU A 119 6.84 10.38 3.32
C GLU A 119 6.67 11.75 2.70
N CYS A 120 6.01 11.81 1.56
CA CYS A 120 5.82 13.09 0.89
C CYS A 120 4.80 13.99 1.58
N THR A 121 3.80 13.40 2.23
CA THR A 121 2.78 14.21 2.86
C THR A 121 2.82 14.30 4.39
N ASP A 122 3.79 13.65 5.02
CA ASP A 122 3.89 13.71 6.48
C ASP A 122 5.32 13.83 6.97
N VAL A 124 6.50 18.14 9.16
CA VAL A 124 6.40 18.28 7.70
C VAL A 124 7.70 18.82 7.10
N ASP A 125 8.78 18.07 7.26
CA ASP A 125 10.07 18.48 6.72
C ASP A 125 10.27 17.91 5.32
N VAL A 126 9.81 18.64 4.31
CA VAL A 126 9.92 18.24 2.92
C VAL A 126 11.21 17.48 2.66
N PRO A 127 11.10 16.23 2.15
CA PRO A 127 12.31 15.46 1.91
C PRO A 127 12.98 15.66 0.53
N CYS A 128 12.33 16.38 -0.39
CA CYS A 128 12.91 16.61 -1.71
C CYS A 128 12.93 18.09 -2.06
N SER A 129 13.90 18.52 -2.87
CA SER A 129 13.96 19.94 -3.22
C SER A 129 12.81 20.33 -4.14
N HIS A 130 12.39 19.39 -4.97
CA HIS A 130 11.33 19.66 -5.91
C HIS A 130 10.20 18.65 -5.79
N PHE A 131 10.26 17.56 -6.56
CA PHE A 131 9.16 16.60 -6.50
C PHE A 131 9.44 15.37 -5.66
N CYS A 132 8.49 15.04 -4.80
CA CYS A 132 8.57 13.85 -3.97
C CYS A 132 7.57 12.84 -4.57
N ASN A 133 8.03 11.60 -4.68
CA ASN A 133 7.26 10.50 -5.27
C ASN A 133 7.14 9.39 -4.24
N ASN A 134 5.96 9.22 -3.64
CA ASN A 134 5.81 8.16 -2.67
C ASN A 134 5.64 6.80 -3.32
N PHE A 135 6.18 5.77 -2.68
CA PHE A 135 5.95 4.41 -3.14
C PHE A 135 5.86 3.53 -1.91
N ILE A 136 5.52 2.26 -2.12
CA ILE A 136 5.36 1.35 -0.99
C ILE A 136 6.71 0.99 -0.37
N GLY A 137 6.91 1.43 0.86
CA GLY A 137 8.15 1.15 1.57
C GLY A 137 9.20 2.26 1.52
N GLY A 138 9.00 3.25 0.65
CA GLY A 138 9.94 4.35 0.61
C GLY A 138 9.38 5.50 -0.20
N TYR A 139 10.29 6.29 -0.77
CA TYR A 139 9.92 7.42 -1.62
C TYR A 139 11.18 7.80 -2.39
N PHE A 140 11.02 8.54 -3.48
CA PHE A 140 12.15 9.03 -4.24
C PHE A 140 11.85 10.43 -4.70
N CYS A 141 12.93 11.17 -4.95
CA CYS A 141 12.85 12.55 -5.41
C CYS A 141 13.10 12.63 -6.91
N SER A 142 12.45 13.60 -7.54
CA SER A 142 12.65 13.82 -8.96
C SER A 142 12.74 15.30 -9.26
N CYS A 143 13.11 15.60 -10.50
CA CYS A 143 13.34 16.98 -10.92
C CYS A 143 12.62 17.43 -12.17
N PRO A 144 12.45 18.75 -12.32
CA PRO A 144 11.78 19.24 -13.51
C PRO A 144 12.77 19.04 -14.68
N PRO A 145 12.28 19.09 -15.91
CA PRO A 145 13.14 18.91 -17.09
C PRO A 145 14.35 19.83 -17.09
N GLU A 146 15.46 19.33 -17.63
CA GLU A 146 16.73 20.02 -17.76
C GLU A 146 17.43 20.28 -16.42
N TYR A 147 16.95 19.60 -15.37
CA TYR A 147 17.55 19.65 -14.03
C TYR A 147 17.89 18.21 -13.76
N PHE A 148 18.98 18.00 -13.03
CA PHE A 148 19.40 16.65 -12.70
C PHE A 148 19.36 16.48 -11.20
N LEU A 149 19.23 15.24 -10.76
CA LEU A 149 19.20 14.94 -9.34
C LEU A 149 20.63 14.79 -8.85
N HIS A 150 20.96 15.56 -7.83
CA HIS A 150 22.32 15.49 -7.28
C HIS A 150 22.55 14.11 -6.69
N ASP A 151 23.81 13.77 -6.47
CA ASP A 151 24.10 12.45 -5.91
C ASP A 151 23.54 12.23 -4.49
N ASP A 152 23.15 13.30 -3.80
CA ASP A 152 22.56 13.16 -2.48
C ASP A 152 21.14 12.63 -2.58
N MET A 153 20.65 12.47 -3.81
CA MET A 153 19.33 11.92 -4.08
C MET A 153 18.14 12.75 -3.62
N LYS A 154 18.38 13.98 -3.20
CA LYS A 154 17.29 14.81 -2.72
C LYS A 154 17.19 16.17 -3.36
N ASN A 155 18.31 16.72 -3.80
CA ASN A 155 18.35 18.05 -4.39
C ASN A 155 18.56 18.06 -5.90
N CYS A 156 17.89 18.97 -6.60
CA CYS A 156 18.02 19.09 -8.03
C CYS A 156 18.95 20.26 -8.35
N GLY A 157 19.64 20.17 -9.47
CA GLY A 157 20.54 21.25 -9.85
C GLY A 157 20.76 21.31 -11.36
N VAL A 158 21.54 22.29 -11.80
CA VAL A 158 21.89 22.46 -13.21
C VAL A 158 23.41 22.68 -13.29
N ASN A 159 24.01 22.43 -14.45
CA ASN A 159 25.45 22.60 -14.62
C ASN A 159 25.82 24.04 -14.96
N THR B 3 9.93 -4.51 -9.76
CA THR B 3 10.36 -3.36 -8.91
C THR B 3 9.13 -2.80 -8.21
N MET B 4 9.37 -1.91 -7.28
CA MET B 4 8.25 -1.26 -6.61
C MET B 4 8.04 0.15 -7.17
N TYR B 5 8.96 0.57 -8.05
CA TYR B 5 8.86 1.87 -8.72
C TYR B 5 9.91 1.99 -9.83
N GLY B 6 9.74 2.96 -10.71
CA GLY B 6 10.70 3.15 -11.78
C GLY B 6 10.44 4.43 -12.54
N GLU B 7 11.35 4.73 -13.47
CA GLU B 7 11.31 5.93 -14.30
C GLU B 7 11.44 5.49 -15.77
N ILE B 8 10.74 6.21 -16.64
CA ILE B 8 10.78 5.97 -18.08
C ILE B 8 10.90 7.34 -18.77
N LEU B 9 12.01 7.55 -19.45
CA LEU B 9 12.28 8.82 -20.14
C LEU B 9 12.45 8.57 -21.63
N SER B 10 11.88 9.45 -22.45
CA SER B 10 12.02 9.32 -23.89
C SER B 10 13.49 9.48 -24.30
N PRO B 11 13.90 8.90 -25.43
CA PRO B 11 15.32 9.06 -25.82
C PRO B 11 15.73 10.54 -25.97
N ASN B 12 16.86 10.88 -25.37
CA ASN B 12 17.42 12.24 -25.38
C ASN B 12 16.79 13.17 -24.33
N TYR B 13 15.70 12.74 -23.69
CA TYR B 13 15.07 13.59 -22.68
C TYR B 13 16.16 14.11 -21.73
N PRO B 14 16.06 15.37 -21.29
CA PRO B 14 15.07 16.39 -21.60
C PRO B 14 15.28 17.22 -22.86
N GLN B 15 16.15 16.75 -23.74
CA GLN B 15 16.37 17.45 -24.99
C GLN B 15 15.49 16.79 -26.06
N ALA B 16 15.46 17.38 -27.25
CA ALA B 16 14.63 16.90 -28.36
C ALA B 16 14.85 15.43 -28.70
N TYR B 17 13.76 14.69 -28.90
CA TYR B 17 13.92 13.28 -29.24
C TYR B 17 14.40 13.10 -30.68
N PRO B 18 15.07 11.97 -30.96
CA PRO B 18 15.61 11.63 -32.27
C PRO B 18 14.50 11.46 -33.28
N SER B 19 14.84 11.65 -34.54
CA SER B 19 13.90 11.50 -35.63
C SER B 19 13.88 10.03 -36.02
N GLU B 20 12.75 9.58 -36.56
CA GLU B 20 12.60 8.22 -37.04
C GLU B 20 13.07 7.12 -36.08
N VAL B 21 12.47 7.03 -34.91
CA VAL B 21 12.85 5.98 -33.97
C VAL B 21 11.61 5.41 -33.28
N GLU B 22 11.76 4.21 -32.76
CA GLU B 22 10.69 3.57 -32.02
C GLU B 22 11.41 2.87 -30.88
N LYS B 23 10.91 3.07 -29.67
CA LYS B 23 11.50 2.51 -28.47
C LYS B 23 10.40 1.92 -27.59
N SER B 24 10.68 0.78 -26.95
CA SER B 24 9.73 0.11 -26.09
C SER B 24 10.32 -0.19 -24.71
N TRP B 25 9.50 -0.09 -23.67
CA TRP B 25 9.90 -0.38 -22.31
C TRP B 25 8.89 -1.31 -21.66
N ASP B 26 9.36 -2.37 -21.01
CA ASP B 26 8.46 -3.25 -20.30
C ASP B 26 8.64 -2.96 -18.81
N ILE B 27 7.51 -2.86 -18.13
CA ILE B 27 7.41 -2.57 -16.71
C ILE B 27 6.83 -3.80 -16.00
N GLU B 28 7.40 -4.15 -14.86
CA GLU B 28 6.87 -5.28 -14.09
C GLU B 28 7.04 -5.05 -12.60
N VAL B 29 5.97 -5.26 -11.86
CA VAL B 29 6.01 -5.16 -10.41
C VAL B 29 5.65 -6.56 -9.90
N PRO B 30 5.80 -6.84 -8.59
CA PRO B 30 5.48 -8.17 -8.07
C PRO B 30 4.03 -8.57 -8.15
N GLU B 31 3.79 -9.88 -8.05
CA GLU B 31 2.44 -10.39 -8.05
C GLU B 31 1.85 -9.81 -6.76
N GLY B 32 0.56 -9.46 -6.81
CA GLY B 32 -0.10 -8.91 -5.64
C GLY B 32 -0.19 -7.39 -5.72
N TYR B 33 0.35 -6.82 -6.79
CA TYR B 33 0.31 -5.38 -6.99
C TYR B 33 -0.15 -4.98 -8.38
N GLY B 34 -0.70 -3.76 -8.43
CA GLY B 34 -1.11 -3.15 -9.68
C GLY B 34 -0.07 -2.06 -9.96
N ILE B 35 -0.32 -1.22 -10.96
CA ILE B 35 0.62 -0.17 -11.31
C ILE B 35 -0.03 1.18 -11.52
N HIS B 36 0.54 2.20 -10.89
CA HIS B 36 0.11 3.57 -11.07
C HIS B 36 1.22 4.17 -11.95
N LEU B 37 0.89 4.49 -13.20
CA LEU B 37 1.83 5.08 -14.16
C LEU B 37 1.44 6.54 -14.35
N TYR B 38 2.35 7.47 -14.11
CA TYR B 38 2.03 8.88 -14.28
C TYR B 38 3.09 9.64 -15.08
N PHE B 39 2.63 10.49 -15.99
CA PHE B 39 3.47 11.29 -16.85
C PHE B 39 3.63 12.66 -16.24
N THR B 40 4.87 13.10 -16.10
CA THR B 40 5.13 14.43 -15.54
C THR B 40 5.62 15.42 -16.59
N HIS B 41 5.82 14.95 -17.82
CA HIS B 41 6.24 15.79 -18.94
C HIS B 41 5.72 15.14 -20.21
N LEU B 42 5.09 15.94 -21.06
CA LEU B 42 4.55 15.46 -22.34
C LEU B 42 4.71 16.58 -23.34
N ASP B 43 5.63 16.41 -24.29
CA ASP B 43 5.93 17.42 -25.29
C ASP B 43 6.20 16.66 -26.58
N ILE B 44 5.11 16.23 -27.23
CA ILE B 44 5.23 15.43 -28.44
C ILE B 44 4.41 16.09 -29.54
N GLU B 45 4.95 16.05 -30.76
CA GLU B 45 4.27 16.63 -31.91
C GLU B 45 2.80 16.18 -31.94
N LEU B 46 1.90 17.13 -32.15
CA LEU B 46 0.49 16.79 -32.22
C LEU B 46 0.14 16.33 -33.64
N SER B 47 -0.62 15.26 -33.75
CA SER B 47 -1.11 14.79 -35.05
C SER B 47 -2.47 14.18 -34.78
N GLU B 48 -3.28 14.10 -35.83
CA GLU B 48 -4.62 13.54 -35.71
C GLU B 48 -4.52 12.08 -35.22
N ASN B 49 -5.22 11.79 -34.13
CA ASN B 49 -5.24 10.45 -33.51
C ASN B 49 -3.82 9.97 -33.19
N CYS B 50 -2.92 10.93 -32.99
CA CYS B 50 -1.51 10.64 -32.67
C CYS B 50 -0.92 9.59 -33.60
N ALA B 51 -1.25 9.69 -34.87
CA ALA B 51 -0.78 8.75 -35.88
C ALA B 51 0.71 8.77 -36.16
N TYR B 52 1.35 9.91 -35.95
CA TYR B 52 2.77 10.00 -36.23
C TYR B 52 3.59 9.81 -34.96
N ASP B 53 3.89 10.88 -34.23
CA ASP B 53 4.68 10.73 -33.01
C ASP B 53 3.71 10.38 -31.89
N SER B 54 4.12 9.55 -30.94
CA SER B 54 3.22 9.20 -29.88
C SER B 54 3.88 8.39 -28.79
N VAL B 55 3.21 8.31 -27.65
CA VAL B 55 3.64 7.42 -26.58
C VAL B 55 2.36 6.60 -26.27
N GLN B 56 2.50 5.29 -26.34
CA GLN B 56 1.41 4.35 -26.09
C GLN B 56 1.63 3.57 -24.82
N ILE B 57 0.54 3.24 -24.15
CA ILE B 57 0.59 2.48 -22.90
C ILE B 57 -0.24 1.25 -23.20
N ILE B 58 0.39 0.09 -23.14
CA ILE B 58 -0.25 -1.20 -23.47
C ILE B 58 -0.30 -2.14 -22.27
N SER B 59 -1.47 -2.82 -22.11
CA SER B 59 -1.69 -3.68 -20.93
C SER B 59 -1.78 -5.18 -21.31
N GLY B 60 -1.62 -5.46 -22.58
CA GLY B 60 -1.68 -6.84 -23.12
C GLY B 60 -1.57 -6.73 -24.62
N ASP B 61 -2.71 -6.84 -25.22
CA ASP B 61 -2.86 -6.66 -26.65
C ASP B 61 -3.77 -5.50 -26.80
N THR B 62 -4.03 -5.02 -25.58
CA THR B 62 -4.92 -3.90 -25.31
C THR B 62 -4.13 -2.60 -25.06
N GLU B 63 -4.54 -1.62 -25.83
CA GLU B 63 -3.96 -0.29 -25.68
C GLU B 63 -4.72 0.43 -24.58
N GLU B 64 -4.02 0.81 -23.51
CA GLU B 64 -4.62 1.52 -22.39
C GLU B 64 -4.67 3.01 -22.68
N GLY B 65 -3.71 3.51 -23.46
CA GLY B 65 -3.70 4.93 -23.75
C GLY B 65 -2.76 5.26 -24.87
N ARG B 66 -2.96 6.42 -25.48
CA ARG B 66 -2.15 6.87 -26.61
C ARG B 66 -2.11 8.38 -26.45
N LEU B 67 -0.91 8.93 -26.31
CA LEU B 67 -0.74 10.34 -26.08
C LEU B 67 0.18 11.04 -27.05
N CYS B 68 -0.12 12.31 -27.28
CA CYS B 68 0.72 13.19 -28.09
C CYS B 68 0.32 14.63 -27.76
N GLY B 69 1.03 15.57 -28.35
CA GLY B 69 0.76 16.96 -28.07
C GLY B 69 1.56 17.44 -26.88
N GLN B 70 1.35 18.70 -26.53
CA GLN B 70 2.04 19.29 -25.39
C GLN B 70 1.03 19.58 -24.32
N ARG B 71 1.34 19.17 -23.10
CA ARG B 71 0.43 19.46 -22.03
C ARG B 71 1.15 19.50 -20.71
N SER B 72 0.75 20.43 -19.84
CA SER B 72 1.34 20.55 -18.52
C SER B 72 0.24 20.30 -17.50
N SER B 73 0.58 20.31 -16.22
CA SER B 73 -0.42 20.08 -15.19
C SER B 73 -1.31 21.32 -15.05
N ASN B 75 -3.34 21.34 -12.19
CA ASN B 75 -3.10 21.22 -10.76
C ASN B 75 -1.72 21.82 -10.47
N PRO B 76 -1.68 22.98 -9.80
CA PRO B 76 -0.40 23.61 -9.51
C PRO B 76 0.43 22.90 -8.45
N HIS B 77 -0.18 21.96 -7.71
CA HIS B 77 0.58 21.27 -6.67
C HIS B 77 1.02 19.87 -7.05
N SER B 78 0.84 19.51 -8.33
CA SER B 78 1.25 18.20 -8.83
C SER B 78 1.76 18.37 -10.26
N PRO B 79 2.86 17.69 -10.60
CA PRO B 79 3.41 17.77 -11.95
C PRO B 79 2.76 16.78 -12.93
N ILE B 80 1.83 15.97 -12.43
CA ILE B 80 1.20 14.95 -13.27
C ILE B 80 0.33 15.56 -14.36
N VAL B 81 0.55 15.14 -15.59
CA VAL B 81 -0.22 15.63 -16.72
C VAL B 81 -1.19 14.56 -17.24
N GLU B 82 -0.80 13.29 -17.14
CA GLU B 82 -1.65 12.18 -17.54
C GLU B 82 -1.30 11.01 -16.62
N GLU B 83 -2.28 10.18 -16.29
CA GLU B 83 -1.98 9.04 -15.44
C GLU B 83 -2.89 7.86 -15.70
N PHE B 84 -2.42 6.70 -15.30
CA PHE B 84 -3.14 5.47 -15.50
C PHE B 84 -2.99 4.60 -14.27
N GLN B 85 -4.07 3.92 -13.91
CA GLN B 85 -4.05 2.98 -12.81
C GLN B 85 -4.48 1.65 -13.42
N VAL B 86 -3.61 0.65 -13.36
CA VAL B 86 -3.98 -0.65 -13.92
C VAL B 86 -3.86 -1.77 -12.91
N PRO B 87 -4.85 -2.67 -12.88
CA PRO B 87 -4.93 -3.82 -11.97
C PRO B 87 -3.96 -4.97 -12.27
N TYR B 88 -3.12 -4.81 -13.28
CA TYR B 88 -2.15 -5.85 -13.67
C TYR B 88 -0.76 -5.50 -13.16
N ASN B 89 0.14 -6.49 -13.11
CA ASN B 89 1.50 -6.21 -12.66
C ASN B 89 2.52 -6.01 -13.79
N LYS B 90 2.03 -5.93 -15.03
CA LYS B 90 2.91 -5.71 -16.18
C LYS B 90 2.29 -4.70 -17.11
N LEU B 91 3.14 -3.91 -17.75
CA LEU B 91 2.67 -2.90 -18.69
C LEU B 91 3.82 -2.62 -19.66
N GLN B 92 3.47 -2.15 -20.86
CA GLN B 92 4.45 -1.80 -21.87
C GLN B 92 4.19 -0.38 -22.32
N VAL B 93 5.27 0.36 -22.55
CA VAL B 93 5.18 1.72 -23.06
C VAL B 93 5.95 1.73 -24.38
N ILE B 94 5.37 2.33 -25.41
CA ILE B 94 6.05 2.43 -26.71
C ILE B 94 6.10 3.89 -27.15
N PHE B 95 7.28 4.35 -27.55
CA PHE B 95 7.42 5.71 -28.04
C PHE B 95 7.81 5.65 -29.51
N LYS B 96 7.16 6.48 -30.32
CA LYS B 96 7.43 6.55 -31.76
C LYS B 96 7.65 7.99 -32.21
N SER B 97 8.68 8.21 -33.01
CA SER B 97 9.02 9.51 -33.57
C SER B 97 9.06 9.26 -35.06
N ASP B 98 8.24 9.96 -35.82
CA ASP B 98 8.15 9.78 -37.26
C ASP B 98 8.73 10.97 -38.00
N PHE B 99 9.59 10.68 -38.96
CA PHE B 99 10.22 11.71 -39.78
C PHE B 99 11.06 12.63 -38.92
N SER B 100 11.45 13.76 -39.48
CA SER B 100 12.29 14.71 -38.76
C SER B 100 11.59 15.50 -37.68
N ASN B 101 12.26 15.63 -36.53
CA ASN B 101 11.71 16.37 -35.40
C ASN B 101 12.23 17.81 -35.50
N GLU B 102 11.79 18.51 -36.53
CA GLU B 102 12.23 19.87 -36.79
C GLU B 102 11.82 20.90 -35.75
N GLU B 103 10.70 20.67 -35.05
CA GLU B 103 10.24 21.62 -34.03
C GLU B 103 10.91 21.36 -32.68
N ARG B 104 11.71 20.31 -32.63
CA ARG B 104 12.48 19.98 -31.43
C ARG B 104 11.66 19.60 -30.20
N PHE B 105 10.61 18.82 -30.39
CA PHE B 105 9.77 18.39 -29.26
C PHE B 105 10.66 17.54 -28.35
N THR B 106 10.44 17.66 -27.04
CA THR B 106 11.28 16.98 -26.06
C THR B 106 10.83 15.66 -25.45
N GLY B 107 9.71 15.13 -25.93
CA GLY B 107 9.32 13.82 -25.46
C GLY B 107 8.46 13.73 -24.24
N PHE B 108 8.85 12.86 -23.32
CA PHE B 108 8.08 12.67 -22.12
C PHE B 108 8.93 12.10 -20.99
N ALA B 109 8.38 12.18 -19.78
CA ALA B 109 8.97 11.59 -18.58
C ALA B 109 7.79 10.99 -17.83
N ALA B 110 7.96 9.76 -17.40
CA ALA B 110 6.92 9.09 -16.64
C ALA B 110 7.56 8.31 -15.52
N TYR B 111 6.75 8.06 -14.49
CA TYR B 111 7.16 7.28 -13.33
C TYR B 111 6.08 6.28 -13.04
N TYR B 112 6.44 5.18 -12.41
CA TYR B 112 5.42 4.23 -12.03
C TYR B 112 5.73 3.72 -10.66
N VAL B 113 4.68 3.35 -9.94
CA VAL B 113 4.83 2.76 -8.64
C VAL B 113 3.85 1.62 -8.49
N ALA B 114 4.31 0.59 -7.80
CA ALA B 114 3.46 -0.55 -7.52
C ALA B 114 2.39 -0.12 -6.51
N THR B 115 1.18 -0.63 -6.68
CA THR B 115 0.07 -0.35 -5.77
C THR B 115 -0.49 -1.68 -5.27
N ASP B 116 -0.77 -1.79 -3.98
CA ASP B 116 -1.31 -3.04 -3.45
C ASP B 116 -2.70 -3.34 -4.00
N ILE B 117 -2.93 -4.61 -4.32
CA ILE B 117 -4.24 -5.05 -4.76
C ILE B 117 -4.97 -5.41 -3.45
N ASN B 118 -6.22 -4.99 -3.30
CA ASN B 118 -6.95 -5.41 -2.09
C ASN B 118 -7.78 -6.62 -2.50
N GLU B 119 -7.25 -7.81 -2.24
CA GLU B 119 -7.92 -9.03 -2.62
C GLU B 119 -9.26 -9.23 -1.94
N CYS B 120 -9.46 -8.55 -0.82
CA CYS B 120 -10.70 -8.69 -0.08
C CYS B 120 -11.85 -7.87 -0.65
N THR B 121 -11.55 -6.70 -1.20
CA THR B 121 -12.60 -5.83 -1.69
C THR B 121 -12.62 -5.50 -3.18
N ASP B 122 -11.48 -5.65 -3.84
CA ASP B 122 -11.42 -5.32 -5.26
C ASP B 122 -12.29 -6.15 -6.19
N PHE B 123 -12.70 -7.34 -5.76
CA PHE B 123 -13.48 -8.21 -6.65
C PHE B 123 -14.90 -8.55 -6.20
N VAL B 124 -15.66 -9.18 -7.09
CA VAL B 124 -17.05 -9.56 -6.82
C VAL B 124 -17.23 -10.40 -5.57
N ASP B 125 -16.44 -11.46 -5.45
CA ASP B 125 -16.52 -12.33 -4.28
C ASP B 125 -15.30 -12.16 -3.38
N VAL B 126 -15.52 -12.40 -2.09
CA VAL B 126 -14.48 -12.33 -1.10
C VAL B 126 -13.83 -13.72 -1.20
N PRO B 127 -12.50 -13.78 -1.28
CA PRO B 127 -11.75 -15.04 -1.39
C PRO B 127 -11.63 -15.84 -0.10
N CYS B 128 -12.52 -15.59 0.85
CA CYS B 128 -12.50 -16.31 2.13
C CYS B 128 -13.93 -16.68 2.52
N SER B 129 -14.09 -17.79 3.24
CA SER B 129 -15.43 -18.17 3.67
C SER B 129 -15.89 -17.20 4.75
N HIS B 130 -14.95 -16.81 5.59
CA HIS B 130 -15.27 -15.90 6.69
C HIS B 130 -14.49 -14.59 6.63
N PHE B 131 -13.51 -14.38 7.49
CA PHE B 131 -12.81 -13.11 7.50
C PHE B 131 -11.62 -12.99 6.54
N CYS B 132 -11.62 -11.91 5.76
CA CYS B 132 -10.53 -11.66 4.81
C CYS B 132 -9.67 -10.53 5.38
N ASN B 133 -8.37 -10.72 5.33
CA ASN B 133 -7.41 -9.75 5.86
C ASN B 133 -6.44 -9.32 4.79
N ASN B 134 -6.65 -8.15 4.22
CA ASN B 134 -5.76 -7.65 3.20
C ASN B 134 -4.46 -7.13 3.81
N PHE B 135 -3.35 -7.36 3.12
CA PHE B 135 -2.08 -6.78 3.53
C PHE B 135 -1.34 -6.40 2.26
N ILE B 136 -0.19 -5.75 2.43
CA ILE B 136 0.58 -5.31 1.29
C ILE B 136 1.28 -6.47 0.62
N GLY B 137 0.85 -6.75 -0.61
CA GLY B 137 1.46 -7.83 -1.36
C GLY B 137 0.66 -9.12 -1.37
N GLY B 138 -0.30 -9.24 -0.45
CA GLY B 138 -1.12 -10.43 -0.42
C GLY B 138 -2.34 -10.25 0.46
N TYR B 139 -2.83 -11.35 1.02
CA TYR B 139 -3.97 -11.31 1.93
C TYR B 139 -4.02 -12.67 2.61
N PHE B 140 -4.75 -12.75 3.72
CA PHE B 140 -4.90 -14.02 4.39
C PHE B 140 -6.30 -14.11 5.00
N CYS B 141 -6.82 -15.33 5.06
CA CYS B 141 -8.14 -15.57 5.60
C CYS B 141 -8.03 -15.98 7.08
N SER B 142 -9.07 -15.66 7.86
CA SER B 142 -9.07 -16.06 9.26
C SER B 142 -10.50 -16.49 9.63
N CYS B 143 -10.65 -17.03 10.84
CA CYS B 143 -11.91 -17.60 11.27
C CYS B 143 -12.47 -17.14 12.61
N PRO B 144 -13.76 -17.44 12.85
CA PRO B 144 -14.41 -17.07 14.11
C PRO B 144 -13.75 -17.92 15.21
N PRO B 145 -13.87 -17.51 16.48
CA PRO B 145 -13.25 -18.32 17.52
C PRO B 145 -13.84 -19.74 17.54
N GLU B 146 -12.98 -20.71 17.81
CA GLU B 146 -13.34 -22.12 17.86
C GLU B 146 -13.43 -22.77 16.50
N TYR B 147 -13.12 -22.00 15.47
CA TYR B 147 -13.07 -22.51 14.10
C TYR B 147 -11.59 -22.58 13.74
N PHE B 148 -11.27 -23.39 12.73
CA PHE B 148 -9.90 -23.49 12.26
C PHE B 148 -9.97 -23.30 10.75
N LEU B 149 -8.87 -22.88 10.16
CA LEU B 149 -8.82 -22.67 8.71
C LEU B 149 -8.39 -23.96 8.06
N HIS B 150 -9.10 -24.39 7.02
CA HIS B 150 -8.77 -25.62 6.29
C HIS B 150 -7.48 -25.46 5.52
N ASP B 151 -6.92 -26.58 5.04
CA ASP B 151 -5.68 -26.53 4.29
C ASP B 151 -5.79 -25.72 2.99
N ASP B 152 -7.01 -25.48 2.51
CA ASP B 152 -7.16 -24.69 1.29
C ASP B 152 -6.92 -23.21 1.60
N MET B 153 -6.64 -22.92 2.88
CA MET B 153 -6.35 -21.57 3.38
C MET B 153 -7.46 -20.56 3.06
N LYS B 154 -8.67 -21.07 2.79
CA LYS B 154 -9.80 -20.24 2.43
C LYS B 154 -11.06 -20.47 3.26
N ASN B 155 -11.37 -21.74 3.51
CA ASN B 155 -12.56 -22.13 4.24
C ASN B 155 -12.31 -22.48 5.71
N CYS B 156 -13.27 -22.11 6.57
CA CYS B 156 -13.18 -22.40 7.99
C CYS B 156 -14.09 -23.54 8.36
N GLY B 157 -13.69 -24.31 9.37
CA GLY B 157 -14.53 -25.41 9.82
C GLY B 157 -14.37 -25.61 11.32
N VAL B 158 -15.15 -26.52 11.89
CA VAL B 158 -15.05 -26.83 13.32
C VAL B 158 -14.90 -28.34 13.47
N ASN B 159 -14.40 -28.77 14.62
CA ASN B 159 -14.23 -30.20 14.87
C ASN B 159 -15.48 -30.78 15.54
CA CA C . 6.18 5.34 1.27
MG MG D . -10.30 -9.40 36.94
CA CA E . -3.11 -7.10 -0.88
MG MG F . 7.66 13.79 -35.85
#